data_9KB0
#
_entry.id   9KB0
#
_cell.length_a   51.030
_cell.length_b   65.640
_cell.length_c   86.670
_cell.angle_alpha   90.00
_cell.angle_beta   100.23
_cell.angle_gamma   90.00
#
_symmetry.space_group_name_H-M   'P 1 21 1'
#
loop_
_entity.id
_entity.type
_entity.pdbx_description
1 polymer '3-hydroxyisobutyrate dehydrogenase'
2 non-polymer 'NADPH DIHYDRO-NICOTINAMIDE-ADENINE-DINUCLEOTIDE PHOSPHATE'
3 water water
#
_entity_poly.entity_id   1
_entity_poly.type   'polypeptide(L)'
_entity_poly.pdbx_seq_one_letter_code
;MGSSHHHHHHMSVPARRPVTVLGLGAMGRALAGALVAAGHPTTVWNRTPGRAAALTAAGATEAGTAAEAVAAGDLVVVCL
LDDEVTRQVLALVAPVLAGRTLVNLTNGTPEQARRLAEWATSHGADHLDGGIMAVPAMIGQPGALILYSGPEDVFRAGRE
TLAAFGAAHWLGADPGAAALHDLALLAAMYGMFGGYLHAVAMIRAAGVPATGFTPLATDWLTAMLGALPALARGVDSGDH
AADGSAVGMQAAAFGNLLAASREGGVSTSLLEPVRRLLDDAVRAGHGADGLSALVDLLRQS
;
_entity_poly.pdbx_strand_id   A,C
#
loop_
_chem_comp.id
_chem_comp.type
_chem_comp.name
_chem_comp.formula
NDP non-polymer 'NADPH DIHYDRO-NICOTINAMIDE-ADENINE-DINUCLEOTIDE PHOSPHATE' 'C21 H30 N7 O17 P3'
#
# COMPACT_ATOMS: atom_id res chain seq x y z
N ALA A 15 -3.51 -10.26 36.75
CA ALA A 15 -2.45 -9.30 37.06
C ALA A 15 -1.58 -9.75 38.24
N ARG A 16 -1.11 -11.01 38.23
CA ARG A 16 -0.57 -11.60 39.46
C ARG A 16 0.44 -12.72 39.24
N ARG A 17 0.57 -13.24 38.01
CA ARG A 17 1.66 -14.18 37.70
C ARG A 17 3.00 -13.46 37.80
N PRO A 18 4.04 -14.08 38.40
CA PRO A 18 5.35 -13.41 38.45
C PRO A 18 6.08 -13.45 37.10
N VAL A 19 6.59 -12.31 36.69
CA VAL A 19 7.16 -12.16 35.35
C VAL A 19 8.60 -11.66 35.44
N THR A 20 9.42 -12.17 34.53
CA THR A 20 10.80 -11.76 34.36
C THR A 20 10.98 -11.08 33.00
N VAL A 21 11.59 -9.92 32.99
CA VAL A 21 11.90 -9.22 31.75
C VAL A 21 13.41 -9.28 31.56
N LEU A 22 13.86 -10.03 30.56
CA LEU A 22 15.25 -9.98 30.11
C LEU A 22 15.34 -8.92 29.02
N GLY A 23 15.88 -7.76 29.34
CA GLY A 23 16.10 -6.74 28.33
C GLY A 23 15.51 -5.40 28.68
N LEU A 24 16.34 -4.39 28.84
CA LEU A 24 15.88 -3.11 29.36
C LEU A 24 16.19 -1.95 28.42
N GLY A 25 16.07 -2.18 27.12
CA GLY A 25 16.06 -1.13 26.14
C GLY A 25 14.80 -0.29 26.22
N ALA A 26 14.51 0.41 25.12
CA ALA A 26 13.34 1.27 25.08
C ALA A 26 12.04 0.48 25.21
N MET A 27 11.92 -0.58 24.39
CA MET A 27 10.78 -1.49 24.44
C MET A 27 10.78 -2.31 25.72
N GLY A 28 11.96 -2.82 26.11
CA GLY A 28 12.07 -3.57 27.35
C GLY A 28 11.52 -2.79 28.53
N ARG A 29 11.86 -1.50 28.61
CA ARG A 29 11.43 -0.71 29.76
C ARG A 29 9.94 -0.42 29.69
N ALA A 30 9.38 -0.32 28.48
CA ALA A 30 7.93 -0.27 28.35
C ALA A 30 7.30 -1.51 28.93
N LEU A 31 7.65 -2.68 28.38
CA LEU A 31 7.03 -3.93 28.79
C LEU A 31 7.03 -4.10 30.31
N ALA A 32 8.19 -3.84 30.95
CA ALA A 32 8.32 -4.11 32.37
C ALA A 32 7.47 -3.14 33.16
N GLY A 33 7.46 -1.86 32.76
CA GLY A 33 6.66 -0.88 33.44
C GLY A 33 5.17 -1.15 33.30
N ALA A 34 4.77 -1.77 32.19
CA ALA A 34 3.38 -2.17 32.01
C ALA A 34 3.01 -3.31 32.94
N LEU A 35 3.95 -4.24 33.17
CA LEU A 35 3.68 -5.33 34.10
C LEU A 35 3.68 -4.83 35.54
N VAL A 36 4.62 -3.97 35.90
CA VAL A 36 4.58 -3.37 37.24
C VAL A 36 3.29 -2.59 37.40
N ALA A 37 2.83 -1.91 36.33
CA ALA A 37 1.63 -1.10 36.39
C ALA A 37 0.38 -1.96 36.49
N ALA A 38 0.54 -3.28 36.38
CA ALA A 38 -0.56 -4.21 36.49
C ALA A 38 -0.56 -4.94 37.83
N GLY A 39 0.51 -4.78 38.61
CA GLY A 39 0.70 -5.52 39.82
C GLY A 39 1.53 -6.76 39.66
N HIS A 40 1.92 -7.12 38.45
CA HIS A 40 2.71 -8.34 38.30
C HIS A 40 3.97 -8.30 39.15
N PRO A 41 4.29 -9.37 39.88
CA PRO A 41 5.61 -9.44 40.50
C PRO A 41 6.67 -9.51 39.42
N THR A 42 7.55 -8.52 39.30
CA THR A 42 8.43 -8.39 38.14
C THR A 42 9.89 -8.30 38.54
N THR A 43 10.73 -9.08 37.88
CA THR A 43 12.18 -9.07 38.05
C THR A 43 12.84 -8.77 36.70
N VAL A 44 13.79 -7.83 36.68
CA VAL A 44 14.32 -7.30 35.43
C VAL A 44 15.81 -7.51 35.38
N TRP A 45 16.31 -7.68 34.16
CA TRP A 45 17.73 -7.82 33.97
C TRP A 45 18.13 -7.15 32.65
N ASN A 46 19.25 -6.46 32.69
CA ASN A 46 19.82 -5.88 31.49
C ASN A 46 21.32 -6.06 31.58
N ARG A 47 21.93 -6.35 30.42
CA ARG A 47 23.38 -6.47 30.36
C ARG A 47 24.05 -5.25 30.97
N THR A 48 23.61 -4.05 30.58
CA THR A 48 24.21 -2.82 31.09
C THR A 48 23.44 -2.32 32.29
N PRO A 49 24.06 -2.21 33.46
CA PRO A 49 23.32 -1.81 34.68
C PRO A 49 23.14 -0.30 34.78
N GLY A 50 21.97 0.12 35.25
CA GLY A 50 21.62 1.53 35.34
C GLY A 50 20.36 1.92 34.59
N ARG A 51 19.49 0.94 34.26
CA ARG A 51 18.24 1.27 33.59
C ARG A 51 17.03 0.82 34.42
N ALA A 52 17.17 0.73 35.75
CA ALA A 52 16.12 0.19 36.57
C ALA A 52 15.48 1.21 37.50
N ALA A 53 16.02 2.41 37.61
CA ALA A 53 15.55 3.43 38.55
C ALA A 53 14.04 3.51 38.68
N ALA A 54 13.34 3.94 37.62
CA ALA A 54 11.89 4.06 37.72
C ALA A 54 11.28 2.69 37.96
N LEU A 55 11.80 1.66 37.29
CA LEU A 55 11.26 0.31 37.42
C LEU A 55 11.30 -0.17 38.87
N THR A 56 12.49 -0.14 39.50
CA THR A 56 12.58 -0.63 40.87
C THR A 56 11.76 0.24 41.81
N ALA A 57 11.79 1.56 41.61
CA ALA A 57 11.01 2.47 42.43
C ALA A 57 9.53 2.20 42.31
N ALA A 58 9.09 1.44 41.32
CA ALA A 58 7.67 1.08 41.20
C ALA A 58 7.37 -0.30 41.73
N GLY A 59 8.36 -1.02 42.23
CA GLY A 59 8.11 -2.29 42.87
C GLY A 59 8.88 -3.43 42.26
N ALA A 60 9.51 -3.18 41.12
CA ALA A 60 10.26 -4.20 40.42
C ALA A 60 11.52 -4.54 41.20
N THR A 61 12.22 -5.55 40.72
CA THR A 61 13.47 -5.99 41.31
C THR A 61 14.48 -6.24 40.20
N GLU A 62 15.66 -5.63 40.30
CA GLU A 62 16.70 -5.85 39.30
C GLU A 62 17.69 -6.91 39.80
N ALA A 63 17.94 -7.92 38.96
CA ALA A 63 18.92 -8.96 39.21
C ALA A 63 20.24 -8.64 38.50
N GLY A 64 21.28 -9.36 38.90
CA GLY A 64 22.58 -9.13 38.30
C GLY A 64 22.85 -10.08 37.17
N THR A 65 22.58 -11.35 37.39
CA THR A 65 22.70 -12.32 36.33
C THR A 65 21.34 -12.54 35.72
N ALA A 66 21.30 -12.65 34.38
CA ALA A 66 20.07 -13.07 33.72
C ALA A 66 19.47 -14.30 34.40
N ALA A 67 20.33 -15.21 34.88
CA ALA A 67 19.89 -16.44 35.51
C ALA A 67 19.14 -16.17 36.81
N GLU A 68 19.69 -15.29 37.66
CA GLU A 68 18.94 -14.86 38.83
C GLU A 68 17.56 -14.40 38.44
N ALA A 69 17.50 -13.55 37.39
CA ALA A 69 16.25 -12.95 36.96
C ALA A 69 15.26 -14.00 36.50
N VAL A 70 15.74 -14.96 35.68
CA VAL A 70 14.91 -16.02 35.14
C VAL A 70 14.36 -16.91 36.25
N ALA A 71 15.10 -17.05 37.34
CA ALA A 71 14.66 -17.88 38.44
C ALA A 71 13.71 -17.15 39.38
N ALA A 72 13.39 -15.88 39.13
CA ALA A 72 12.41 -15.16 39.95
C ALA A 72 11.06 -14.98 39.24
N GLY A 73 10.90 -15.55 38.06
CA GLY A 73 9.67 -15.37 37.31
C GLY A 73 9.20 -16.67 36.72
N ASP A 74 7.91 -16.75 36.44
CA ASP A 74 7.33 -17.94 35.75
C ASP A 74 7.38 -17.58 34.27
N LEU A 75 6.62 -16.57 33.88
CA LEU A 75 6.75 -16.03 32.54
C LEU A 75 8.01 -15.20 32.40
N VAL A 76 8.82 -15.55 31.41
CA VAL A 76 10.08 -14.88 31.09
C VAL A 76 9.90 -14.17 29.76
N VAL A 77 9.52 -12.90 29.80
CA VAL A 77 9.46 -12.02 28.63
C VAL A 77 10.89 -11.64 28.21
N VAL A 78 11.25 -11.97 26.97
CA VAL A 78 12.55 -11.62 26.40
C VAL A 78 12.34 -10.49 25.41
N CYS A 79 13.04 -9.36 25.57
CA CYS A 79 12.94 -8.27 24.60
C CYS A 79 14.30 -7.63 24.38
N LEU A 80 15.15 -8.29 23.57
CA LEU A 80 16.54 -7.97 23.29
C LEU A 80 16.68 -7.52 21.84
N LEU A 81 17.90 -7.58 21.30
CA LEU A 81 18.20 -6.80 20.10
C LEU A 81 17.98 -7.60 18.84
N ASP A 82 18.38 -8.86 18.84
CA ASP A 82 18.12 -9.74 17.72
C ASP A 82 18.12 -11.17 18.23
N ASP A 83 17.82 -12.08 17.32
CA ASP A 83 17.75 -13.48 17.70
C ASP A 83 19.09 -14.01 18.13
N GLU A 84 20.17 -13.43 17.62
CA GLU A 84 21.51 -13.85 18.03
C GLU A 84 21.73 -13.52 19.49
N VAL A 85 21.48 -12.24 19.85
CA VAL A 85 21.57 -11.81 21.25
C VAL A 85 20.66 -12.66 22.11
N THR A 86 19.40 -12.81 21.67
CA THR A 86 18.44 -13.63 22.38
C THR A 86 19.02 -14.99 22.70
N ARG A 87 19.42 -15.73 21.65
CA ARG A 87 19.86 -17.09 21.85
C ARG A 87 21.13 -17.16 22.70
N GLN A 88 22.03 -16.17 22.57
CA GLN A 88 23.19 -16.11 23.45
C GLN A 88 22.75 -15.95 24.90
N VAL A 89 21.90 -14.98 25.18
CA VAL A 89 21.41 -14.74 26.54
C VAL A 89 20.71 -15.98 27.09
N LEU A 90 19.81 -16.60 26.30
CA LEU A 90 19.01 -17.72 26.83
C LEU A 90 19.87 -18.94 27.10
N ALA A 91 20.95 -19.14 26.34
CA ALA A 91 21.82 -20.28 26.62
C ALA A 91 22.49 -20.12 27.97
N LEU A 92 22.82 -18.88 28.36
CA LEU A 92 23.32 -18.65 29.71
C LEU A 92 22.33 -19.12 30.77
N VAL A 93 21.02 -18.90 30.57
CA VAL A 93 20.05 -19.19 31.61
C VAL A 93 19.42 -20.57 31.44
N ALA A 94 19.86 -21.36 30.44
CA ALA A 94 19.30 -22.69 30.19
C ALA A 94 19.33 -23.61 31.41
N PRO A 95 20.38 -23.60 32.28
CA PRO A 95 20.34 -24.39 33.52
C PRO A 95 19.09 -24.19 34.35
N VAL A 96 18.44 -23.04 34.23
CA VAL A 96 17.39 -22.69 35.16
C VAL A 96 16.08 -22.39 34.43
N LEU A 97 15.97 -22.82 33.17
CA LEU A 97 14.80 -22.50 32.36
C LEU A 97 13.67 -23.52 32.49
N ALA A 98 13.87 -24.60 33.24
CA ALA A 98 12.83 -25.61 33.35
C ALA A 98 11.72 -25.10 34.25
N GLY A 99 10.49 -25.51 33.96
CA GLY A 99 9.32 -25.04 34.68
C GLY A 99 8.85 -23.64 34.32
N ARG A 100 9.51 -22.96 33.40
CA ARG A 100 9.17 -21.59 33.05
C ARG A 100 8.55 -21.54 31.66
N THR A 101 7.92 -20.40 31.37
CA THR A 101 7.36 -20.10 30.06
C THR A 101 8.10 -18.91 29.47
N LEU A 102 8.79 -19.14 28.37
CA LEU A 102 9.41 -18.08 27.59
C LEU A 102 8.38 -17.37 26.72
N VAL A 103 8.41 -16.05 26.76
CA VAL A 103 7.67 -15.21 25.82
C VAL A 103 8.73 -14.34 25.16
N ASN A 104 9.07 -14.65 23.91
CA ASN A 104 10.11 -13.92 23.17
C ASN A 104 9.45 -12.79 22.42
N LEU A 105 9.43 -11.61 23.01
CA LEU A 105 8.96 -10.46 22.27
C LEU A 105 10.05 -9.84 21.41
N THR A 106 11.18 -10.54 21.22
CA THR A 106 12.20 -10.03 20.32
C THR A 106 11.87 -10.45 18.91
N ASN A 107 12.01 -9.52 17.96
CA ASN A 107 11.62 -9.78 16.58
C ASN A 107 12.46 -10.91 15.98
N GLY A 108 12.03 -11.39 14.83
CA GLY A 108 12.70 -12.56 14.25
C GLY A 108 11.93 -13.16 13.09
N THR A 109 12.42 -14.35 12.64
CA THR A 109 11.77 -15.03 11.54
C THR A 109 10.89 -16.16 12.08
N PRO A 110 9.95 -16.63 11.26
CA PRO A 110 9.18 -17.81 11.68
C PRO A 110 10.06 -18.99 12.01
N GLU A 111 11.05 -19.32 11.17
CA GLU A 111 11.88 -20.49 11.47
C GLU A 111 12.66 -20.31 12.78
N GLN A 112 12.95 -19.06 13.16
CA GLN A 112 13.70 -18.85 14.39
C GLN A 112 12.86 -19.18 15.61
N ALA A 113 11.58 -18.75 15.61
CA ALA A 113 10.69 -19.07 16.72
C ALA A 113 10.58 -20.58 16.91
N ARG A 114 10.33 -21.30 15.81
CA ARG A 114 10.20 -22.75 15.87
C ARG A 114 11.45 -23.44 16.38
N ARG A 115 12.61 -22.84 16.20
CA ARG A 115 13.85 -23.44 16.73
C ARG A 115 13.92 -23.15 18.23
N LEU A 116 13.50 -21.96 18.62
CA LEU A 116 13.53 -21.61 20.03
C LEU A 116 12.55 -22.47 20.80
N ALA A 117 11.40 -22.76 20.19
CA ALA A 117 10.43 -23.67 20.78
C ALA A 117 11.07 -25.01 21.13
N GLU A 118 11.66 -25.68 20.12
CA GLU A 118 12.29 -26.98 20.34
C GLU A 118 13.39 -26.88 21.39
N TRP A 119 14.19 -25.81 21.36
CA TRP A 119 15.20 -25.61 22.38
C TRP A 119 14.59 -25.57 23.78
N ALA A 120 13.44 -24.90 23.94
CA ALA A 120 12.87 -24.72 25.28
C ALA A 120 12.27 -26.01 25.79
N THR A 121 11.47 -26.70 24.97
CA THR A 121 11.02 -28.04 25.30
C THR A 121 12.17 -28.94 25.71
N SER A 122 13.35 -28.76 25.13
CA SER A 122 14.45 -29.66 25.45
C SER A 122 15.07 -29.33 26.80
N HIS A 123 14.90 -28.09 27.28
CA HIS A 123 15.38 -27.66 28.59
C HIS A 123 14.24 -27.52 29.60
N GLY A 124 13.04 -27.95 29.24
CA GLY A 124 11.94 -27.95 30.17
C GLY A 124 11.14 -26.66 30.28
N ALA A 125 11.08 -25.89 29.20
CA ALA A 125 10.42 -24.60 29.17
C ALA A 125 9.33 -24.58 28.11
N ASP A 126 8.31 -23.76 28.37
CA ASP A 126 7.23 -23.49 27.43
C ASP A 126 7.56 -22.25 26.62
N HIS A 127 6.97 -22.15 25.44
CA HIS A 127 7.36 -21.08 24.54
C HIS A 127 6.17 -20.48 23.83
N LEU A 128 6.04 -19.15 23.91
CA LEU A 128 5.26 -18.33 22.99
C LEU A 128 6.21 -17.38 22.29
N ASP A 129 6.07 -17.26 20.98
CA ASP A 129 6.76 -16.19 20.29
C ASP A 129 5.85 -14.96 20.13
N GLY A 130 6.48 -13.78 20.01
CA GLY A 130 5.75 -12.51 19.93
C GLY A 130 6.18 -11.42 18.96
N GLY A 131 5.24 -10.92 18.17
CA GLY A 131 5.47 -9.70 17.40
C GLY A 131 4.88 -8.45 18.00
N ILE A 132 5.71 -7.50 18.44
CA ILE A 132 5.15 -6.26 18.95
C ILE A 132 4.79 -5.36 17.76
N MET A 133 3.49 -5.17 17.56
CA MET A 133 2.96 -4.25 16.55
C MET A 133 2.65 -2.90 17.18
N ALA A 134 3.63 -2.37 17.92
CA ALA A 134 3.39 -1.17 18.72
C ALA A 134 4.70 -0.47 18.93
N VAL A 135 4.62 0.80 19.33
CA VAL A 135 5.81 1.53 19.72
C VAL A 135 5.88 1.52 21.24
N PRO A 136 7.04 1.68 21.86
CA PRO A 136 7.10 1.57 23.32
C PRO A 136 6.11 2.48 24.04
N ALA A 137 5.79 3.65 23.50
CA ALA A 137 4.86 4.53 24.22
C ALA A 137 3.44 3.99 24.23
N MET A 138 3.05 3.24 23.20
CA MET A 138 1.74 2.61 23.19
C MET A 138 1.64 1.40 24.11
N ILE A 139 2.78 0.80 24.48
CA ILE A 139 2.73 -0.37 25.34
C ILE A 139 2.09 0.01 26.67
N GLY A 140 1.18 -0.85 27.16
CA GLY A 140 0.38 -0.58 28.33
C GLY A 140 -0.93 0.10 28.01
N GLN A 141 -0.96 0.88 26.97
CA GLN A 141 -2.15 1.59 26.51
C GLN A 141 -3.06 0.64 25.73
N PRO A 142 -4.37 0.87 25.83
CA PRO A 142 -5.31 -0.01 25.11
C PRO A 142 -5.17 0.18 23.61
N GLY A 143 -5.07 -0.95 22.89
CA GLY A 143 -4.94 -0.93 21.45
C GLY A 143 -3.55 -1.26 20.95
N ALA A 144 -2.54 -1.11 21.79
CA ALA A 144 -1.23 -1.64 21.41
C ALA A 144 -1.39 -3.12 21.07
N LEU A 145 -1.04 -3.48 19.85
CA LEU A 145 -1.24 -4.84 19.37
C LEU A 145 0.05 -5.64 19.47
N ILE A 146 -0.02 -6.82 20.10
CA ILE A 146 1.09 -7.79 20.10
C ILE A 146 0.56 -9.13 19.64
N LEU A 147 1.29 -9.76 18.72
CA LEU A 147 0.91 -11.04 18.12
C LEU A 147 1.62 -12.19 18.83
N TYR A 148 0.88 -13.16 19.33
CA TYR A 148 1.49 -14.29 20.00
C TYR A 148 1.17 -15.60 19.27
N SER A 149 2.10 -16.55 19.35
CA SER A 149 1.91 -17.88 18.78
C SER A 149 2.77 -18.88 19.55
N GLY A 150 2.27 -20.10 19.62
CA GLY A 150 2.77 -21.14 20.50
C GLY A 150 1.63 -22.08 20.85
N PRO A 151 1.90 -23.03 21.74
CA PRO A 151 0.84 -23.93 22.22
C PRO A 151 -0.32 -23.16 22.84
N GLU A 152 -1.53 -23.63 22.57
CA GLU A 152 -2.69 -22.81 22.86
C GLU A 152 -2.92 -22.61 24.36
N ASP A 153 -2.90 -23.69 25.14
CA ASP A 153 -3.16 -23.54 26.58
C ASP A 153 -2.08 -22.72 27.25
N VAL A 154 -0.88 -22.67 26.68
CA VAL A 154 0.13 -21.75 27.20
C VAL A 154 -0.35 -20.31 27.03
N PHE A 155 -0.87 -19.98 25.83
CA PHE A 155 -1.42 -18.64 25.63
C PHE A 155 -2.56 -18.36 26.61
N ARG A 156 -3.54 -19.29 26.69
CA ARG A 156 -4.71 -19.07 27.53
C ARG A 156 -4.31 -18.80 28.99
N ALA A 157 -3.24 -19.44 29.48
CA ALA A 157 -2.76 -19.14 30.82
C ALA A 157 -2.02 -17.80 30.87
N GLY A 158 -1.43 -17.37 29.76
CA GLY A 158 -0.71 -16.11 29.72
C GLY A 158 -1.53 -14.87 29.42
N ARG A 159 -2.75 -15.02 28.89
CA ARG A 159 -3.50 -13.90 28.32
C ARG A 159 -3.64 -12.71 29.28
N GLU A 160 -3.82 -12.99 30.58
CA GLU A 160 -4.07 -11.91 31.53
C GLU A 160 -2.80 -11.16 31.84
N THR A 161 -1.65 -11.86 31.82
CA THR A 161 -0.36 -11.17 31.81
C THR A 161 -0.14 -10.41 30.49
N LEU A 162 -0.30 -11.10 29.35
CA LEU A 162 -0.07 -10.49 28.05
C LEU A 162 -0.93 -9.27 27.82
N ALA A 163 -2.03 -9.13 28.54
CA ALA A 163 -2.88 -7.96 28.41
C ALA A 163 -2.32 -6.73 29.10
N ALA A 164 -1.37 -6.89 30.03
CA ALA A 164 -0.68 -5.74 30.55
C ALA A 164 -0.18 -4.88 29.40
N PHE A 165 0.46 -5.49 28.40
CA PHE A 165 0.97 -4.71 27.29
C PHE A 165 -0.13 -4.15 26.41
N GLY A 166 -1.35 -4.70 26.48
CA GLY A 166 -2.39 -4.28 25.57
C GLY A 166 -3.14 -5.43 24.91
N ALA A 167 -3.36 -5.34 23.60
CA ALA A 167 -4.11 -6.34 22.85
C ALA A 167 -3.25 -7.56 22.54
N ALA A 168 -3.55 -8.68 23.19
CA ALA A 168 -2.91 -9.96 22.90
C ALA A 168 -3.80 -10.79 21.99
N HIS A 169 -3.25 -11.21 20.84
CA HIS A 169 -3.96 -12.08 19.91
C HIS A 169 -3.14 -13.35 19.68
N TRP A 170 -3.81 -14.51 19.77
CA TRP A 170 -3.20 -15.81 19.49
C TRP A 170 -3.53 -16.21 18.05
N LEU A 171 -2.52 -16.65 17.31
CA LEU A 171 -2.62 -16.86 15.88
C LEU A 171 -2.06 -18.23 15.47
N GLY A 172 -1.98 -19.17 16.38
CA GLY A 172 -1.71 -20.54 15.98
C GLY A 172 -0.73 -21.24 16.88
N ALA A 173 -0.84 -22.57 16.93
CA ALA A 173 0.13 -23.43 17.59
C ALA A 173 1.50 -23.39 16.94
N ASP A 174 1.58 -23.01 15.68
CA ASP A 174 2.88 -22.96 15.05
C ASP A 174 3.68 -21.85 15.69
N PRO A 175 4.80 -22.16 16.42
CA PRO A 175 5.52 -21.10 17.12
C PRO A 175 5.92 -19.98 16.16
N GLY A 176 5.97 -20.29 14.86
CA GLY A 176 6.40 -19.37 13.82
C GLY A 176 5.31 -18.44 13.32
N ALA A 177 4.11 -18.57 13.90
CA ALA A 177 2.95 -17.91 13.33
C ALA A 177 2.94 -16.41 13.57
N ALA A 178 3.39 -15.96 14.75
CA ALA A 178 3.37 -14.53 15.01
C ALA A 178 4.38 -13.80 14.12
N ALA A 179 5.54 -14.40 13.89
CA ALA A 179 6.50 -13.79 12.97
C ALA A 179 5.94 -13.78 11.56
N LEU A 180 5.24 -14.85 11.16
CA LEU A 180 4.69 -14.90 9.81
C LEU A 180 3.62 -13.84 9.62
N HIS A 181 2.92 -13.46 10.70
CA HIS A 181 1.87 -12.46 10.54
C HIS A 181 2.40 -11.05 10.74
N ASP A 182 3.42 -10.91 11.59
CA ASP A 182 4.07 -9.63 11.76
C ASP A 182 4.76 -9.22 10.46
N LEU A 183 5.52 -10.13 9.87
CA LEU A 183 6.31 -9.75 8.72
C LEU A 183 5.44 -9.57 7.49
N ALA A 184 4.34 -10.36 7.39
CA ALA A 184 3.44 -10.29 6.25
C ALA A 184 2.66 -8.98 6.25
N LEU A 185 2.23 -8.53 7.43
CA LEU A 185 1.67 -7.19 7.54
C LEU A 185 2.73 -6.13 7.31
N LEU A 186 4.02 -6.46 7.55
CA LEU A 186 5.05 -5.48 7.24
C LEU A 186 5.24 -5.35 5.73
N ALA A 187 5.33 -6.48 5.03
CA ALA A 187 5.34 -6.48 3.59
C ALA A 187 4.19 -5.66 3.03
N ALA A 188 2.98 -5.90 3.51
CA ALA A 188 1.85 -5.10 3.06
C ALA A 188 2.07 -3.63 3.33
N MET A 189 2.50 -3.27 4.54
CA MET A 189 2.66 -1.85 4.81
C MET A 189 3.80 -1.23 3.99
N TYR A 190 4.84 -2.00 3.64
CA TYR A 190 5.92 -1.44 2.82
C TYR A 190 5.53 -1.32 1.36
N GLY A 191 4.62 -2.17 0.87
CA GLY A 191 4.11 -1.98 -0.46
C GLY A 191 3.39 -0.65 -0.58
N MET A 192 2.53 -0.35 0.39
CA MET A 192 1.72 0.86 0.32
C MET A 192 2.60 2.10 0.49
N PHE A 193 3.53 2.07 1.46
CA PHE A 193 4.51 3.16 1.60
C PHE A 193 5.35 3.30 0.34
N GLY A 194 5.73 2.17 -0.26
CA GLY A 194 6.47 2.23 -1.49
C GLY A 194 5.72 2.99 -2.57
N GLY A 195 4.45 2.66 -2.75
CA GLY A 195 3.68 3.32 -3.79
C GLY A 195 3.34 4.75 -3.45
N TYR A 196 3.20 5.04 -2.14
CA TYR A 196 3.01 6.42 -1.73
C TYR A 196 4.27 7.23 -1.98
N LEU A 197 5.43 6.68 -1.64
CA LEU A 197 6.68 7.39 -1.88
C LEU A 197 6.93 7.57 -3.37
N HIS A 198 6.64 6.55 -4.19
CA HIS A 198 6.83 6.74 -5.63
C HIS A 198 5.86 7.77 -6.18
N ALA A 199 4.64 7.84 -5.64
CA ALA A 199 3.68 8.81 -6.12
C ALA A 199 4.11 10.22 -5.78
N VAL A 200 4.57 10.41 -4.52
CA VAL A 200 5.01 11.72 -4.04
C VAL A 200 6.23 12.19 -4.81
N ALA A 201 7.17 11.27 -5.07
CA ALA A 201 8.28 11.60 -5.92
C ALA A 201 7.76 12.22 -7.21
N MET A 202 6.88 11.49 -7.90
CA MET A 202 6.33 11.96 -9.16
C MET A 202 5.66 13.31 -8.98
N ILE A 203 4.81 13.43 -7.96
CA ILE A 203 4.05 14.66 -7.74
C ILE A 203 4.98 15.81 -7.39
N ARG A 204 6.09 15.51 -6.69
CA ARG A 204 7.02 16.54 -6.26
C ARG A 204 7.91 17.01 -7.40
N ALA A 205 8.29 16.11 -8.30
CA ALA A 205 9.03 16.47 -9.51
C ALA A 205 8.29 17.46 -10.38
N ALA A 206 6.96 17.56 -10.26
CA ALA A 206 6.20 18.53 -11.02
C ALA A 206 5.86 19.77 -10.22
N GLY A 207 6.26 19.83 -8.94
CA GLY A 207 5.95 20.94 -8.07
C GLY A 207 4.82 20.69 -7.09
N VAL A 208 3.99 19.67 -7.33
CA VAL A 208 2.81 19.43 -6.48
C VAL A 208 3.26 19.24 -5.04
N PRO A 209 2.74 20.02 -4.09
CA PRO A 209 3.01 19.76 -2.67
C PRO A 209 2.32 18.48 -2.19
N ALA A 210 3.08 17.65 -1.48
CA ALA A 210 2.58 16.35 -1.06
C ALA A 210 1.56 16.45 0.07
N THR A 211 1.63 17.54 0.82
CA THR A 211 0.72 17.70 1.93
C THR A 211 -0.71 17.92 1.45
N GLY A 212 -0.86 18.43 0.23
CA GLY A 212 -2.16 18.55 -0.39
C GLY A 212 -2.56 17.30 -1.16
N PHE A 213 -1.58 16.43 -1.45
CA PHE A 213 -1.83 15.21 -2.20
C PHE A 213 -2.29 14.08 -1.29
N THR A 214 -1.84 14.11 -0.04
CA THR A 214 -2.16 13.05 0.91
C THR A 214 -3.66 12.84 1.12
N PRO A 215 -4.49 13.85 1.19
CA PRO A 215 -5.93 13.57 1.27
C PRO A 215 -6.40 12.72 0.10
N LEU A 216 -5.99 13.05 -1.13
CA LEU A 216 -6.48 12.28 -2.28
C LEU A 216 -5.89 10.89 -2.29
N ALA A 217 -4.66 10.74 -1.79
CA ALA A 217 -4.09 9.40 -1.71
C ALA A 217 -4.84 8.55 -0.69
N THR A 218 -5.08 9.11 0.51
CA THR A 218 -5.70 8.30 1.55
C THR A 218 -7.08 7.82 1.12
N ASP A 219 -7.89 8.73 0.55
CA ASP A 219 -9.20 8.32 0.05
C ASP A 219 -9.06 7.27 -1.03
N TRP A 220 -8.11 7.44 -1.94
CA TRP A 220 -7.96 6.51 -3.04
C TRP A 220 -7.55 5.13 -2.54
N LEU A 221 -6.53 5.07 -1.67
CA LEU A 221 -6.09 3.78 -1.16
C LEU A 221 -7.12 3.15 -0.23
N THR A 222 -7.87 3.97 0.52
CA THR A 222 -8.91 3.41 1.40
C THR A 222 -9.96 2.69 0.59
N ALA A 223 -10.26 3.23 -0.60
CA ALA A 223 -11.21 2.57 -1.47
C ALA A 223 -10.61 1.32 -2.07
N MET A 224 -9.34 1.39 -2.49
CA MET A 224 -8.68 0.22 -3.07
C MET A 224 -8.53 -0.91 -2.07
N LEU A 225 -8.57 -0.63 -0.77
CA LEU A 225 -8.61 -1.71 0.20
C LEU A 225 -9.84 -2.60 0.04
N GLY A 226 -10.88 -2.13 -0.64
CA GLY A 226 -12.03 -2.96 -0.83
C GLY A 226 -11.86 -4.14 -1.74
N ALA A 227 -10.84 -4.16 -2.58
CA ALA A 227 -10.70 -5.29 -3.49
C ALA A 227 -10.03 -6.47 -2.85
N LEU A 228 -9.40 -6.26 -1.69
CA LEU A 228 -8.70 -7.37 -1.00
C LEU A 228 -9.63 -8.53 -0.73
N PRO A 229 -10.78 -8.37 -0.05
CA PRO A 229 -11.60 -9.55 0.26
C PRO A 229 -11.99 -10.36 -0.96
N ALA A 230 -12.11 -9.72 -2.13
CA ALA A 230 -12.34 -10.47 -3.36
C ALA A 230 -11.11 -11.26 -3.78
N LEU A 231 -9.93 -10.58 -3.82
CA LEU A 231 -8.67 -11.23 -4.15
C LEU A 231 -8.41 -12.42 -3.24
N ALA A 232 -8.77 -12.30 -1.95
CA ALA A 232 -8.48 -13.36 -0.98
C ALA A 232 -9.29 -14.61 -1.29
N ARG A 233 -10.58 -14.42 -1.60
CA ARG A 233 -11.44 -15.51 -2.04
C ARG A 233 -10.85 -16.20 -3.26
N GLY A 234 -10.32 -15.41 -4.21
CA GLY A 234 -9.70 -16.01 -5.37
C GLY A 234 -8.48 -16.85 -5.02
N VAL A 235 -7.58 -16.30 -4.17
CA VAL A 235 -6.40 -17.05 -3.77
C VAL A 235 -6.80 -18.36 -3.10
N ASP A 236 -7.86 -18.30 -2.28
CA ASP A 236 -8.29 -19.48 -1.55
C ASP A 236 -9.11 -20.42 -2.41
N SER A 237 -9.85 -19.89 -3.38
CA SER A 237 -10.74 -20.73 -4.17
C SER A 237 -10.01 -21.38 -5.33
N GLY A 238 -9.17 -20.62 -6.03
CA GLY A 238 -8.58 -21.05 -7.28
C GLY A 238 -9.15 -20.31 -8.45
N ASP A 239 -10.33 -19.71 -8.30
CA ASP A 239 -10.95 -18.94 -9.36
C ASP A 239 -10.40 -17.53 -9.34
N HIS A 240 -9.42 -17.27 -10.19
CA HIS A 240 -8.95 -15.89 -10.34
C HIS A 240 -9.74 -15.15 -11.39
N ALA A 241 -11.05 -15.33 -11.33
CA ALA A 241 -11.98 -14.63 -12.21
C ALA A 241 -11.74 -13.13 -12.18
N ALA A 242 -11.80 -12.53 -13.35
CA ALA A 242 -11.50 -11.11 -13.41
C ALA A 242 -12.55 -10.37 -12.60
N ASP A 243 -12.17 -9.22 -12.08
CA ASP A 243 -13.14 -8.37 -11.36
C ASP A 243 -13.58 -7.31 -12.34
N GLY A 244 -13.24 -7.47 -13.62
CA GLY A 244 -13.52 -6.47 -14.66
C GLY A 244 -12.17 -6.00 -15.17
N SER A 245 -11.40 -5.34 -14.30
CA SER A 245 -10.01 -4.95 -14.66
C SER A 245 -9.16 -6.23 -14.66
N ALA A 246 -8.38 -6.46 -15.71
CA ALA A 246 -7.68 -7.74 -15.83
C ALA A 246 -6.19 -7.56 -15.90
N VAL A 247 -5.47 -8.58 -15.49
CA VAL A 247 -3.99 -8.51 -15.51
C VAL A 247 -3.53 -8.03 -16.88
N GLY A 248 -4.27 -8.32 -17.94
CA GLY A 248 -3.80 -8.00 -19.30
C GLY A 248 -4.03 -6.56 -19.66
N MET A 249 -4.90 -5.89 -18.93
CA MET A 249 -5.17 -4.47 -19.16
C MET A 249 -4.50 -3.68 -18.04
N GLN A 250 -4.18 -4.34 -16.94
CA GLN A 250 -3.48 -3.68 -15.82
C GLN A 250 -2.01 -3.61 -16.23
N ALA A 251 -1.67 -4.31 -17.29
CA ALA A 251 -0.31 -4.28 -17.84
C ALA A 251 -0.28 -3.51 -19.15
N ALA A 252 -1.14 -2.53 -19.30
CA ALA A 252 -1.12 -1.69 -20.50
C ALA A 252 -1.10 -0.25 -20.05
N ALA A 253 -1.37 0.02 -18.79
CA ALA A 253 -1.20 1.40 -18.28
C ALA A 253 -0.04 1.39 -17.30
N PHE A 254 0.59 0.23 -17.17
CA PHE A 254 1.81 0.18 -16.34
C PHE A 254 2.86 0.88 -17.13
N GLY A 255 2.67 1.06 -18.43
CA GLY A 255 3.67 1.67 -19.30
C GLY A 255 3.64 3.17 -19.26
N ASN A 256 2.47 3.74 -19.15
CA ASN A 256 2.32 5.21 -19.08
C ASN A 256 2.83 5.59 -17.70
N LEU A 257 2.54 4.77 -16.70
CA LEU A 257 3.15 5.01 -15.41
C LEU A 257 4.66 4.99 -15.54
N LEU A 258 5.20 3.94 -16.15
CA LEU A 258 6.65 3.87 -16.32
C LEU A 258 7.15 5.10 -17.06
N ALA A 259 6.44 5.49 -18.12
CA ALA A 259 6.91 6.60 -18.94
C ALA A 259 6.84 7.91 -18.16
N ALA A 260 5.75 8.16 -17.46
CA ALA A 260 5.63 9.41 -16.70
C ALA A 260 6.70 9.48 -15.62
N SER A 261 7.00 8.33 -14.99
CA SER A 261 8.06 8.25 -13.99
C SER A 261 9.39 8.73 -14.56
N ARG A 262 9.67 8.31 -15.81
CA ARG A 262 10.91 8.72 -16.45
C ARG A 262 10.86 10.21 -16.79
N GLU A 263 9.76 10.67 -17.37
CA GLU A 263 9.62 12.08 -17.74
C GLU A 263 9.87 13.01 -16.56
N GLY A 264 9.56 12.60 -15.35
CA GLY A 264 9.76 13.44 -14.19
C GLY A 264 11.02 13.16 -13.39
N GLY A 265 11.97 12.41 -13.96
CA GLY A 265 13.22 12.14 -13.28
C GLY A 265 13.15 11.14 -12.15
N VAL A 266 12.01 10.41 -12.01
CA VAL A 266 11.77 9.44 -10.94
C VAL A 266 12.12 8.05 -11.44
N SER A 267 12.82 7.29 -10.59
CA SER A 267 13.23 5.93 -10.91
C SER A 267 12.01 5.00 -11.01
N THR A 268 12.16 3.93 -11.80
CA THR A 268 11.13 2.92 -11.89
C THR A 268 11.42 1.72 -10.96
N SER A 269 12.39 1.89 -10.04
CA SER A 269 12.91 0.77 -9.24
C SER A 269 11.82 0.03 -8.47
N LEU A 270 10.98 0.75 -7.72
CA LEU A 270 9.86 0.17 -6.97
C LEU A 270 8.74 -0.33 -7.86
N LEU A 271 8.81 -0.10 -9.18
CA LEU A 271 7.76 -0.49 -10.11
C LEU A 271 8.15 -1.63 -11.04
N GLU A 272 9.43 -1.89 -11.25
CA GLU A 272 9.82 -2.96 -12.17
C GLU A 272 9.39 -4.34 -11.72
N PRO A 273 9.38 -4.68 -10.42
CA PRO A 273 8.89 -6.01 -10.02
C PRO A 273 7.41 -6.23 -10.32
N VAL A 274 6.56 -5.24 -10.07
CA VAL A 274 5.15 -5.40 -10.40
C VAL A 274 4.98 -5.55 -11.91
N ARG A 275 5.69 -4.72 -12.67
CA ARG A 275 5.69 -4.82 -14.13
C ARG A 275 6.01 -6.25 -14.55
N ARG A 276 7.10 -6.80 -14.02
CA ARG A 276 7.52 -8.12 -14.45
C ARG A 276 6.49 -9.17 -14.06
N LEU A 277 5.99 -9.11 -12.82
CA LEU A 277 4.99 -10.07 -12.37
C LEU A 277 3.76 -10.04 -13.25
N LEU A 278 3.27 -8.83 -13.54
CA LEU A 278 2.16 -8.68 -14.46
C LEU A 278 2.49 -9.26 -15.83
N ASP A 279 3.72 -9.07 -16.32
CA ASP A 279 4.04 -9.66 -17.61
C ASP A 279 4.15 -11.17 -17.52
N ASP A 280 4.76 -11.69 -16.44
CA ASP A 280 4.83 -13.13 -16.22
C ASP A 280 3.45 -13.76 -16.24
N ALA A 281 2.47 -13.06 -15.68
CA ALA A 281 1.13 -13.64 -15.62
C ALA A 281 0.50 -13.74 -17.01
N VAL A 282 0.64 -12.68 -17.82
CA VAL A 282 0.24 -12.74 -19.23
C VAL A 282 0.89 -13.94 -19.90
N ARG A 283 2.20 -14.10 -19.76
CA ARG A 283 2.88 -15.25 -20.36
C ARG A 283 2.46 -16.57 -19.73
N ALA A 284 1.82 -16.55 -18.58
CA ALA A 284 1.34 -17.80 -18.01
C ALA A 284 -0.11 -18.07 -18.37
N GLY A 285 -0.74 -17.21 -19.16
CA GLY A 285 -2.14 -17.35 -19.49
C GLY A 285 -3.12 -16.82 -18.47
N HIS A 286 -2.74 -15.80 -17.69
CA HIS A 286 -3.63 -15.28 -16.66
C HIS A 286 -4.08 -13.86 -16.98
N GLY A 287 -3.92 -13.45 -18.24
CA GLY A 287 -4.28 -12.10 -18.62
C GLY A 287 -5.73 -11.75 -18.34
N ALA A 288 -6.64 -12.63 -18.70
CA ALA A 288 -8.06 -12.40 -18.43
C ALA A 288 -8.42 -12.67 -16.97
N ASP A 289 -7.47 -13.18 -16.19
CA ASP A 289 -7.63 -13.38 -14.76
C ASP A 289 -7.42 -12.08 -14.02
N GLY A 290 -7.74 -12.07 -12.72
CA GLY A 290 -7.52 -10.92 -11.87
C GLY A 290 -6.24 -11.07 -11.04
N LEU A 291 -5.95 -10.00 -10.29
CA LEU A 291 -4.71 -9.91 -9.50
C LEU A 291 -4.50 -11.10 -8.57
N SER A 292 -5.57 -11.76 -8.12
CA SER A 292 -5.41 -12.90 -7.22
C SER A 292 -4.56 -14.01 -7.82
N ALA A 293 -4.37 -14.02 -9.14
CA ALA A 293 -3.53 -15.03 -9.76
C ALA A 293 -2.06 -14.77 -9.49
N LEU A 294 -1.67 -13.50 -9.33
CA LEU A 294 -0.27 -13.16 -9.16
C LEU A 294 0.32 -13.81 -7.92
N VAL A 295 -0.53 -14.23 -6.97
CA VAL A 295 -0.04 -14.76 -5.70
C VAL A 295 0.78 -16.02 -5.92
N ASP A 296 0.24 -16.98 -6.66
CA ASP A 296 0.95 -18.24 -6.77
C ASP A 296 2.07 -18.19 -7.79
N LEU A 297 2.27 -17.03 -8.42
CA LEU A 297 3.44 -16.73 -9.23
C LEU A 297 4.57 -16.15 -8.40
N LEU A 298 4.27 -15.64 -7.21
CA LEU A 298 5.28 -15.19 -6.28
C LEU A 298 5.95 -16.35 -5.57
N ARG A 299 5.71 -17.58 -6.00
CA ARG A 299 6.30 -18.72 -5.32
C ARG A 299 7.67 -19.00 -5.94
N GLN A 300 8.71 -18.96 -5.11
CA GLN A 300 10.05 -19.29 -5.57
C GLN A 300 10.03 -20.64 -6.25
N SER A 301 10.29 -20.63 -7.56
CA SER A 301 10.31 -21.84 -8.38
C SER A 301 11.28 -22.90 -7.82
N ALA B 15 -28.83 24.91 -20.42
CA ALA B 15 -28.48 24.17 -19.21
C ALA B 15 -27.67 22.92 -19.54
N ARG B 16 -28.35 21.89 -20.06
CA ARG B 16 -27.67 20.71 -20.58
C ARG B 16 -27.11 21.07 -21.95
N ARG B 17 -25.79 21.31 -22.00
CA ARG B 17 -25.14 21.74 -23.24
C ARG B 17 -24.91 20.56 -24.18
N PRO B 18 -24.88 20.81 -25.48
CA PRO B 18 -24.64 19.71 -26.43
C PRO B 18 -23.20 19.23 -26.34
N VAL B 19 -23.04 17.92 -26.25
CA VAL B 19 -21.73 17.30 -26.07
C VAL B 19 -21.48 16.34 -27.22
N THR B 20 -20.20 16.11 -27.51
CA THR B 20 -19.78 15.15 -28.51
C THR B 20 -18.90 14.10 -27.83
N VAL B 21 -19.14 12.83 -28.13
CA VAL B 21 -18.25 11.77 -27.67
C VAL B 21 -17.59 11.13 -28.89
N LEU B 22 -16.25 11.23 -28.97
CA LEU B 22 -15.45 10.59 -30.00
C LEU B 22 -14.78 9.36 -29.40
N GLY B 23 -15.26 8.18 -29.78
CA GLY B 23 -14.69 6.96 -29.24
C GLY B 23 -15.77 6.13 -28.59
N LEU B 24 -16.26 5.11 -29.28
CA LEU B 24 -17.34 4.31 -28.72
C LEU B 24 -16.85 2.94 -28.27
N GLY B 25 -15.80 2.94 -27.46
CA GLY B 25 -15.40 1.75 -26.75
C GLY B 25 -16.20 1.58 -25.48
N ALA B 26 -15.71 0.69 -24.63
CA ALA B 26 -16.37 0.42 -23.36
C ALA B 26 -16.60 1.70 -22.55
N MET B 27 -15.53 2.51 -22.40
CA MET B 27 -15.64 3.75 -21.63
C MET B 27 -16.34 4.82 -22.44
N GLY B 28 -16.10 4.85 -23.76
CA GLY B 28 -16.81 5.79 -24.62
C GLY B 28 -18.31 5.66 -24.45
N ARG B 29 -18.81 4.42 -24.50
CA ARG B 29 -20.25 4.18 -24.39
C ARG B 29 -20.75 4.42 -22.96
N ALA B 30 -19.89 4.26 -21.95
CA ALA B 30 -20.32 4.60 -20.60
C ALA B 30 -20.38 6.11 -20.41
N LEU B 31 -19.43 6.84 -21.03
CA LEU B 31 -19.44 8.30 -20.94
C LEU B 31 -20.62 8.88 -21.71
N ALA B 32 -20.85 8.36 -22.92
CA ALA B 32 -21.95 8.87 -23.73
C ALA B 32 -23.29 8.57 -23.08
N GLY B 33 -23.45 7.35 -22.56
CA GLY B 33 -24.67 7.02 -21.84
C GLY B 33 -24.90 7.96 -20.69
N ALA B 34 -23.84 8.21 -19.89
CA ALA B 34 -23.92 9.10 -18.75
C ALA B 34 -24.39 10.50 -19.16
N LEU B 35 -23.96 10.97 -20.35
CA LEU B 35 -24.38 12.28 -20.79
C LEU B 35 -25.84 12.26 -21.27
N VAL B 36 -26.29 11.16 -21.88
CA VAL B 36 -27.70 11.10 -22.25
C VAL B 36 -28.56 10.99 -21.00
N ALA B 37 -28.15 10.12 -20.06
CA ALA B 37 -28.83 9.98 -18.79
C ALA B 37 -28.85 11.27 -17.99
N ALA B 38 -28.04 12.26 -18.35
CA ALA B 38 -28.03 13.52 -17.64
C ALA B 38 -28.75 14.61 -18.39
N GLY B 39 -29.19 14.34 -19.60
CA GLY B 39 -29.95 15.33 -20.34
C GLY B 39 -29.13 16.13 -21.32
N HIS B 40 -27.85 15.84 -21.47
CA HIS B 40 -27.05 16.52 -22.48
C HIS B 40 -27.36 15.94 -23.86
N PRO B 41 -27.75 16.77 -24.84
CA PRO B 41 -27.85 16.27 -26.21
C PRO B 41 -26.53 15.68 -26.63
N THR B 42 -26.43 14.36 -26.76
CA THR B 42 -25.15 13.70 -27.03
C THR B 42 -25.04 13.25 -28.49
N THR B 43 -24.05 13.78 -29.21
CA THR B 43 -23.66 13.30 -30.53
C THR B 43 -22.41 12.42 -30.39
N VAL B 44 -22.50 11.17 -30.81
CA VAL B 44 -21.39 10.23 -30.74
C VAL B 44 -20.77 10.04 -32.12
N TRP B 45 -19.67 9.29 -32.14
CA TRP B 45 -18.98 8.86 -33.36
C TRP B 45 -17.97 7.79 -32.98
N ASN B 46 -17.90 6.74 -33.79
CA ASN B 46 -16.85 5.75 -33.68
C ASN B 46 -16.25 5.51 -35.07
N ARG B 47 -15.00 5.05 -35.11
CA ARG B 47 -14.38 4.69 -36.40
C ARG B 47 -15.12 3.55 -37.07
N THR B 48 -15.38 2.48 -36.32
CA THR B 48 -16.13 1.31 -36.77
C THR B 48 -17.60 1.49 -36.45
N PRO B 49 -18.50 1.05 -37.33
CA PRO B 49 -19.94 1.14 -37.03
C PRO B 49 -20.45 -0.06 -36.25
N GLY B 50 -21.62 0.12 -35.64
CA GLY B 50 -22.23 -0.91 -34.83
C GLY B 50 -22.11 -0.74 -33.34
N ARG B 51 -21.55 0.37 -32.86
CA ARG B 51 -21.31 0.52 -31.44
C ARG B 51 -22.32 1.44 -30.75
N ALA B 52 -23.29 1.99 -31.48
CA ALA B 52 -24.14 3.03 -30.90
C ALA B 52 -25.61 2.66 -30.92
N ALA B 53 -25.96 1.38 -31.08
CA ALA B 53 -27.37 1.05 -31.27
C ALA B 53 -28.18 1.35 -30.01
N ALA B 54 -27.65 0.99 -28.83
CA ALA B 54 -28.37 1.32 -27.61
C ALA B 54 -28.29 2.81 -27.27
N LEU B 55 -27.20 3.48 -27.67
CA LEU B 55 -27.10 4.91 -27.38
C LEU B 55 -28.03 5.72 -28.27
N THR B 56 -28.09 5.37 -29.55
CA THR B 56 -29.00 6.08 -30.42
C THR B 56 -30.46 5.79 -30.03
N ALA B 57 -30.75 4.58 -29.57
CA ALA B 57 -32.10 4.33 -29.10
C ALA B 57 -32.41 5.06 -27.79
N ALA B 58 -31.43 5.72 -27.16
CA ALA B 58 -31.69 6.52 -25.97
C ALA B 58 -31.86 8.00 -26.27
N GLY B 59 -31.59 8.41 -27.52
CA GLY B 59 -31.64 9.81 -27.88
C GLY B 59 -30.36 10.32 -28.49
N ALA B 60 -29.28 9.58 -28.32
CA ALA B 60 -28.01 10.00 -28.91
C ALA B 60 -28.11 9.95 -30.41
N THR B 61 -27.36 10.83 -31.06
CA THR B 61 -27.24 10.90 -32.51
C THR B 61 -25.87 10.38 -32.86
N GLU B 62 -25.81 9.36 -33.71
CA GLU B 62 -24.52 8.88 -34.18
C GLU B 62 -24.14 9.62 -35.44
N ALA B 63 -22.88 10.01 -35.53
CA ALA B 63 -22.40 10.70 -36.70
C ALA B 63 -21.58 9.73 -37.55
N GLY B 64 -21.35 10.14 -38.79
CA GLY B 64 -20.59 9.34 -39.72
C GLY B 64 -19.18 9.87 -39.85
N THR B 65 -19.03 11.16 -39.58
CA THR B 65 -17.71 11.78 -39.63
C THR B 65 -17.33 12.32 -38.25
N ALA B 66 -16.03 12.24 -37.96
CA ALA B 66 -15.52 12.80 -36.72
C ALA B 66 -15.68 14.31 -36.70
N ALA B 67 -15.54 14.94 -37.87
CA ALA B 67 -15.78 16.37 -37.97
C ALA B 67 -17.24 16.69 -37.74
N GLU B 68 -18.13 15.91 -38.38
CA GLU B 68 -19.56 16.01 -38.16
C GLU B 68 -19.89 15.96 -36.68
N ALA B 69 -19.34 14.98 -35.97
CA ALA B 69 -19.58 14.83 -34.53
C ALA B 69 -19.17 16.08 -33.76
N VAL B 70 -17.88 16.45 -33.87
CA VAL B 70 -17.32 17.59 -33.15
C VAL B 70 -18.05 18.90 -33.47
N ALA B 71 -18.60 19.01 -34.67
CA ALA B 71 -19.38 20.19 -35.03
C ALA B 71 -20.69 20.28 -34.27
N ALA B 72 -21.11 19.20 -33.61
CA ALA B 72 -22.39 19.14 -32.91
C ALA B 72 -22.24 19.30 -31.40
N GLY B 73 -21.07 19.68 -30.93
CA GLY B 73 -20.88 19.87 -29.49
C GLY B 73 -20.00 21.07 -29.24
N ASP B 74 -20.27 21.77 -28.13
CA ASP B 74 -19.32 22.76 -27.61
C ASP B 74 -18.30 22.14 -26.68
N LEU B 75 -18.54 20.90 -26.25
CA LEU B 75 -17.58 20.14 -25.46
C LEU B 75 -17.36 18.79 -26.15
N VAL B 76 -16.10 18.51 -26.50
CA VAL B 76 -15.73 17.32 -27.25
C VAL B 76 -14.97 16.39 -26.32
N VAL B 77 -15.66 15.36 -25.85
CA VAL B 77 -15.09 14.33 -24.98
C VAL B 77 -14.42 13.30 -25.87
N VAL B 78 -13.14 13.05 -25.64
CA VAL B 78 -12.39 12.09 -26.46
C VAL B 78 -11.94 10.95 -25.57
N CYS B 79 -12.36 9.74 -25.91
CA CYS B 79 -12.00 8.55 -25.14
C CYS B 79 -11.59 7.46 -26.11
N LEU B 80 -10.47 7.67 -26.81
CA LEU B 80 -9.99 6.75 -27.82
C LEU B 80 -8.98 5.79 -27.18
N LEU B 81 -8.13 5.16 -28.00
CA LEU B 81 -7.32 4.07 -27.49
C LEU B 81 -6.08 4.59 -26.78
N ASP B 82 -5.06 4.93 -27.55
CA ASP B 82 -3.88 5.58 -27.00
C ASP B 82 -3.90 7.04 -27.40
N ASP B 83 -2.79 7.71 -27.15
CA ASP B 83 -2.69 9.09 -27.61
C ASP B 83 -2.39 9.13 -29.09
N GLU B 84 -1.78 8.07 -29.62
CA GLU B 84 -1.46 8.01 -31.05
C GLU B 84 -2.73 8.13 -31.86
N VAL B 85 -3.68 7.24 -31.57
CA VAL B 85 -5.02 7.30 -32.16
C VAL B 85 -5.63 8.69 -31.96
N THR B 86 -5.57 9.20 -30.73
CA THR B 86 -6.28 10.43 -30.41
C THR B 86 -5.83 11.57 -31.30
N ARG B 87 -4.52 11.78 -31.38
CA ARG B 87 -4.01 12.97 -32.04
C ARG B 87 -4.19 12.87 -33.55
N GLN B 88 -4.04 11.67 -34.11
CA GLN B 88 -4.48 11.45 -35.49
C GLN B 88 -5.91 11.91 -35.69
N VAL B 89 -6.86 11.35 -34.91
CA VAL B 89 -8.28 11.67 -35.10
C VAL B 89 -8.52 13.16 -34.98
N LEU B 90 -7.95 13.78 -33.94
CA LEU B 90 -8.20 15.20 -33.70
C LEU B 90 -7.67 16.07 -34.85
N ALA B 91 -6.59 15.63 -35.52
CA ALA B 91 -6.15 16.34 -36.71
C ALA B 91 -7.26 16.41 -37.75
N LEU B 92 -7.92 15.28 -38.04
CA LEU B 92 -8.98 15.23 -39.05
C LEU B 92 -10.11 16.20 -38.73
N VAL B 93 -10.22 16.60 -37.48
CA VAL B 93 -11.26 17.52 -37.04
C VAL B 93 -10.73 18.93 -36.86
N ALA B 94 -9.40 19.12 -36.87
CA ALA B 94 -8.73 20.40 -36.68
C ALA B 94 -9.44 21.59 -37.32
N PRO B 95 -9.93 21.52 -38.58
CA PRO B 95 -10.62 22.69 -39.14
C PRO B 95 -11.80 23.20 -38.32
N VAL B 96 -12.61 22.32 -37.72
CA VAL B 96 -13.79 22.77 -37.01
C VAL B 96 -13.57 22.89 -35.50
N LEU B 97 -12.39 22.50 -35.00
CA LEU B 97 -12.17 22.43 -33.55
C LEU B 97 -12.34 23.77 -32.84
N ALA B 98 -12.13 24.88 -33.53
CA ALA B 98 -12.05 26.15 -32.81
C ALA B 98 -13.39 26.51 -32.17
N GLY B 99 -13.33 27.05 -30.96
CA GLY B 99 -14.51 27.43 -30.22
C GLY B 99 -15.09 26.36 -29.32
N ARG B 100 -14.52 25.17 -29.30
CA ARG B 100 -14.99 24.12 -28.43
C ARG B 100 -13.92 23.79 -27.40
N THR B 101 -14.34 23.09 -26.36
CA THR B 101 -13.42 22.54 -25.38
C THR B 101 -13.16 21.07 -25.69
N LEU B 102 -11.89 20.70 -25.70
CA LEU B 102 -11.48 19.29 -25.80
C LEU B 102 -11.37 18.72 -24.39
N VAL B 103 -11.88 17.50 -24.21
CA VAL B 103 -11.80 16.79 -22.92
C VAL B 103 -11.30 15.39 -23.24
N ASN B 104 -9.98 15.19 -23.14
CA ASN B 104 -9.35 13.93 -23.50
C ASN B 104 -9.40 13.02 -22.28
N LEU B 105 -10.44 12.22 -22.20
CA LEU B 105 -10.54 11.19 -21.18
C LEU B 105 -9.79 9.91 -21.57
N THR B 106 -9.11 9.92 -22.72
CA THR B 106 -8.15 8.88 -23.08
C THR B 106 -6.96 8.98 -22.14
N ASN B 107 -6.39 7.84 -21.77
CA ASN B 107 -5.26 7.84 -20.85
C ASN B 107 -3.93 7.94 -21.60
N GLY B 108 -2.92 8.44 -20.90
CA GLY B 108 -1.65 8.75 -21.54
C GLY B 108 -0.62 9.19 -20.52
N THR B 109 0.43 9.85 -21.00
CA THR B 109 1.42 10.40 -20.10
C THR B 109 1.14 11.90 -19.87
N PRO B 110 1.76 12.52 -18.86
CA PRO B 110 1.51 13.97 -18.68
C PRO B 110 2.08 14.79 -19.82
N GLU B 111 3.22 14.38 -20.39
CA GLU B 111 3.79 15.17 -21.46
C GLU B 111 2.89 15.13 -22.68
N GLN B 112 2.35 13.96 -23.02
CA GLN B 112 1.39 13.88 -24.12
C GLN B 112 0.22 14.84 -23.89
N ALA B 113 -0.34 14.86 -22.68
CA ALA B 113 -1.40 15.82 -22.39
C ALA B 113 -0.93 17.26 -22.65
N ARG B 114 0.34 17.55 -22.31
CA ARG B 114 0.87 18.90 -22.48
C ARG B 114 1.12 19.24 -23.94
N ARG B 115 1.50 18.25 -24.75
CA ARG B 115 1.69 18.51 -26.19
C ARG B 115 0.32 18.78 -26.84
N LEU B 116 -0.71 18.04 -26.45
CA LEU B 116 -2.01 18.21 -27.06
C LEU B 116 -2.61 19.57 -26.69
N ALA B 117 -2.28 20.07 -25.50
CA ALA B 117 -2.77 21.38 -25.09
C ALA B 117 -2.26 22.47 -26.03
N GLU B 118 -0.99 22.39 -26.44
CA GLU B 118 -0.44 23.32 -27.43
C GLU B 118 -1.19 23.20 -28.74
N TRP B 119 -1.27 21.98 -29.29
CA TRP B 119 -2.01 21.71 -30.52
C TRP B 119 -3.39 22.33 -30.47
N ALA B 120 -4.13 22.03 -29.39
CA ALA B 120 -5.48 22.55 -29.23
C ALA B 120 -5.49 24.07 -29.24
N THR B 121 -4.62 24.68 -28.42
CA THR B 121 -4.59 26.13 -28.35
C THR B 121 -4.07 26.73 -29.65
N SER B 122 -3.32 25.98 -30.47
CA SER B 122 -2.96 26.48 -31.78
C SER B 122 -4.11 26.38 -32.77
N HIS B 123 -5.18 25.68 -32.42
CA HIS B 123 -6.36 25.63 -33.28
C HIS B 123 -7.53 26.36 -32.66
N GLY B 124 -7.27 27.21 -31.67
CA GLY B 124 -8.36 27.94 -31.04
C GLY B 124 -9.34 27.07 -30.30
N ALA B 125 -8.93 25.88 -29.89
CA ALA B 125 -9.72 25.05 -28.99
C ALA B 125 -9.19 25.15 -27.57
N ASP B 126 -10.10 25.25 -26.62
CA ASP B 126 -9.73 25.00 -25.23
C ASP B 126 -9.40 23.52 -25.04
N HIS B 127 -8.78 23.22 -23.92
CA HIS B 127 -8.31 21.87 -23.64
C HIS B 127 -8.50 21.56 -22.16
N LEU B 128 -9.00 20.37 -21.87
CA LEU B 128 -9.00 19.78 -20.55
C LEU B 128 -8.54 18.34 -20.71
N ASP B 129 -7.57 17.92 -19.91
CA ASP B 129 -7.25 16.51 -19.78
C ASP B 129 -8.03 15.87 -18.63
N GLY B 130 -8.29 14.57 -18.77
CA GLY B 130 -8.88 13.82 -17.68
C GLY B 130 -8.30 12.46 -17.46
N GLY B 131 -8.26 12.01 -16.21
CA GLY B 131 -7.93 10.63 -15.88
C GLY B 131 -9.06 9.99 -15.10
N ILE B 132 -9.71 9.00 -15.70
CA ILE B 132 -10.87 8.32 -15.11
C ILE B 132 -10.37 7.31 -14.07
N MET B 133 -10.67 7.55 -12.80
CA MET B 133 -10.38 6.61 -11.72
C MET B 133 -11.61 5.75 -11.42
N ALA B 134 -12.10 5.06 -12.44
CA ALA B 134 -13.38 4.36 -12.38
C ALA B 134 -13.45 3.41 -13.55
N VAL B 135 -14.25 2.36 -13.39
CA VAL B 135 -14.43 1.39 -14.44
C VAL B 135 -15.70 1.79 -15.20
N PRO B 136 -15.80 1.49 -16.50
CA PRO B 136 -16.99 1.87 -17.29
C PRO B 136 -18.30 1.63 -16.53
N ALA B 137 -18.36 0.56 -15.74
CA ALA B 137 -19.60 0.21 -15.07
C ALA B 137 -20.00 1.19 -13.96
N MET B 138 -19.12 2.09 -13.54
CA MET B 138 -19.48 3.06 -12.50
C MET B 138 -19.73 4.46 -13.05
N ILE B 139 -19.49 4.70 -14.34
CA ILE B 139 -19.64 6.04 -14.90
C ILE B 139 -21.09 6.46 -14.80
N GLY B 140 -21.31 7.69 -14.32
CA GLY B 140 -22.61 8.22 -14.03
C GLY B 140 -23.06 7.96 -12.60
N GLN B 141 -22.61 6.86 -12.00
CA GLN B 141 -23.06 6.48 -10.68
C GLN B 141 -22.10 6.98 -9.61
N PRO B 142 -22.58 7.14 -8.38
CA PRO B 142 -21.73 7.67 -7.32
C PRO B 142 -20.47 6.84 -7.11
N GLY B 143 -19.40 7.50 -6.69
CA GLY B 143 -18.13 6.86 -6.47
C GLY B 143 -17.18 6.97 -7.64
N ALA B 144 -17.66 7.39 -8.80
CA ALA B 144 -16.76 7.61 -9.91
C ALA B 144 -15.98 8.90 -9.66
N LEU B 145 -14.69 8.86 -9.98
CA LEU B 145 -13.84 10.03 -9.91
C LEU B 145 -13.12 10.18 -11.24
N ILE B 146 -13.18 11.38 -11.81
CA ILE B 146 -12.39 11.74 -12.98
C ILE B 146 -11.58 12.98 -12.61
N LEU B 147 -10.25 12.81 -12.61
CA LEU B 147 -9.34 13.91 -12.43
C LEU B 147 -9.24 14.75 -13.69
N TYR B 148 -9.04 16.06 -13.52
CA TYR B 148 -9.08 17.04 -14.59
C TYR B 148 -8.00 18.08 -14.35
N SER B 149 -7.49 18.66 -15.43
CA SER B 149 -6.40 19.63 -15.37
C SER B 149 -6.49 20.49 -16.61
N GLY B 150 -6.15 21.78 -16.48
CA GLY B 150 -6.34 22.70 -17.57
C GLY B 150 -6.73 24.07 -17.07
N PRO B 151 -6.86 25.03 -18.00
CA PRO B 151 -7.26 26.40 -17.62
C PRO B 151 -8.47 26.38 -16.71
N GLU B 152 -8.33 26.96 -15.52
CA GLU B 152 -9.41 26.91 -14.54
C GLU B 152 -10.72 27.44 -15.13
N ASP B 153 -10.64 28.55 -15.87
CA ASP B 153 -11.71 29.04 -16.73
C ASP B 153 -12.47 27.91 -17.41
N VAL B 154 -11.77 27.16 -18.26
CA VAL B 154 -12.39 26.12 -19.04
C VAL B 154 -13.08 25.10 -18.12
N PHE B 155 -12.52 24.87 -16.94
CA PHE B 155 -13.06 23.80 -16.11
C PHE B 155 -14.38 24.21 -15.48
N ARG B 156 -14.44 25.41 -14.89
CA ARG B 156 -15.64 25.90 -14.25
C ARG B 156 -16.86 25.76 -15.17
N ALA B 157 -16.67 26.07 -16.46
CA ALA B 157 -17.76 26.05 -17.45
C ALA B 157 -18.21 24.63 -17.75
N GLY B 158 -17.29 23.69 -17.77
CA GLY B 158 -17.60 22.33 -18.14
C GLY B 158 -17.89 21.47 -16.94
N ARG B 159 -17.50 21.96 -15.76
CA ARG B 159 -17.58 21.19 -14.52
C ARG B 159 -18.93 20.51 -14.36
N GLU B 160 -20.01 21.24 -14.62
CA GLU B 160 -21.32 20.66 -14.43
C GLU B 160 -21.63 19.66 -15.53
N THR B 161 -21.29 19.98 -16.79
CA THR B 161 -21.43 18.96 -17.82
C THR B 161 -20.70 17.70 -17.40
N LEU B 162 -19.43 17.85 -17.02
CA LEU B 162 -18.61 16.69 -16.67
C LEU B 162 -19.17 15.91 -15.50
N ALA B 163 -19.94 16.55 -14.60
CA ALA B 163 -20.46 15.85 -13.43
C ALA B 163 -21.33 14.66 -13.80
N ALA B 164 -21.94 14.67 -15.00
CA ALA B 164 -22.72 13.53 -15.46
C ALA B 164 -21.94 12.23 -15.34
N PHE B 165 -20.62 12.29 -15.42
CA PHE B 165 -19.76 11.12 -15.31
C PHE B 165 -19.56 10.70 -13.87
N GLY B 166 -19.70 11.62 -12.94
CA GLY B 166 -19.36 11.34 -11.56
C GLY B 166 -18.78 12.56 -10.90
N ALA B 167 -17.64 12.43 -10.24
CA ALA B 167 -16.99 13.57 -9.62
C ALA B 167 -15.95 14.17 -10.55
N ALA B 168 -15.84 15.49 -10.52
CA ALA B 168 -14.85 16.24 -11.27
C ALA B 168 -13.88 16.90 -10.28
N HIS B 169 -12.65 16.39 -10.22
CA HIS B 169 -11.62 16.95 -9.33
C HIS B 169 -10.52 17.56 -10.19
N TRP B 170 -10.39 18.88 -10.08
CA TRP B 170 -9.40 19.65 -10.83
C TRP B 170 -8.11 19.76 -10.01
N LEU B 171 -6.97 19.56 -10.67
CA LEU B 171 -5.68 19.54 -10.00
C LEU B 171 -4.74 20.66 -10.43
N GLY B 172 -5.12 21.45 -11.43
CA GLY B 172 -4.38 22.65 -11.77
C GLY B 172 -4.27 22.84 -13.26
N ALA B 173 -3.68 23.99 -13.63
CA ALA B 173 -3.64 24.43 -15.02
C ALA B 173 -2.56 23.73 -15.85
N ASP B 174 -1.61 23.06 -15.20
CA ASP B 174 -0.74 22.10 -15.86
C ASP B 174 -1.60 21.06 -16.58
N PRO B 175 -1.58 21.00 -17.91
CA PRO B 175 -2.40 20.00 -18.61
C PRO B 175 -2.08 18.57 -18.26
N GLY B 176 -0.84 18.28 -17.84
CA GLY B 176 -0.38 16.98 -17.41
C GLY B 176 -0.73 16.64 -15.97
N ALA B 177 -1.44 17.52 -15.26
CA ALA B 177 -1.74 17.30 -13.85
C ALA B 177 -2.70 16.13 -13.65
N ALA B 178 -3.69 15.99 -14.54
CA ALA B 178 -4.61 14.86 -14.42
C ALA B 178 -3.88 13.54 -14.59
N ALA B 179 -3.01 13.44 -15.61
CA ALA B 179 -2.30 12.19 -15.86
C ALA B 179 -1.44 11.85 -14.67
N LEU B 180 -0.69 12.84 -14.18
CA LEU B 180 0.32 12.67 -13.14
C LEU B 180 -0.31 12.12 -11.87
N HIS B 181 -1.43 12.70 -11.46
CA HIS B 181 -2.12 12.17 -10.29
C HIS B 181 -2.78 10.85 -10.62
N ASP B 182 -3.25 10.69 -11.86
CA ASP B 182 -3.78 9.39 -12.25
C ASP B 182 -2.70 8.33 -12.12
N LEU B 183 -1.52 8.60 -12.66
CA LEU B 183 -0.49 7.55 -12.73
C LEU B 183 0.16 7.35 -11.36
N ALA B 184 0.39 8.43 -10.62
CA ALA B 184 0.86 8.28 -9.24
C ALA B 184 -0.11 7.49 -8.38
N LEU B 185 -1.43 7.76 -8.51
CA LEU B 185 -2.42 6.97 -7.77
C LEU B 185 -2.41 5.53 -8.21
N LEU B 186 -1.95 5.26 -9.43
CA LEU B 186 -1.81 3.88 -9.85
C LEU B 186 -0.61 3.22 -9.17
N ALA B 187 0.49 3.97 -9.07
CA ALA B 187 1.70 3.45 -8.46
C ALA B 187 1.48 3.12 -7.00
N ALA B 188 0.70 3.96 -6.30
CA ALA B 188 0.31 3.67 -4.94
C ALA B 188 -0.51 2.39 -4.88
N MET B 189 -1.59 2.35 -5.66
CA MET B 189 -2.43 1.17 -5.73
C MET B 189 -1.61 -0.07 -5.98
N TYR B 190 -0.72 -0.03 -6.98
CA TYR B 190 0.13 -1.18 -7.25
C TYR B 190 1.07 -1.45 -6.09
N GLY B 191 1.45 -0.42 -5.35
CA GLY B 191 2.33 -0.59 -4.21
C GLY B 191 1.64 -1.44 -3.17
N MET B 192 0.51 -0.95 -2.67
CA MET B 192 -0.27 -1.68 -1.69
C MET B 192 -0.55 -3.11 -2.16
N PHE B 193 -1.12 -3.26 -3.36
CA PHE B 193 -1.43 -4.60 -3.85
C PHE B 193 -0.18 -5.46 -3.90
N GLY B 194 0.94 -4.89 -4.35
CA GLY B 194 2.17 -5.65 -4.36
C GLY B 194 2.53 -6.14 -2.98
N GLY B 195 2.47 -5.24 -1.99
CA GLY B 195 2.74 -5.68 -0.63
C GLY B 195 1.78 -6.77 -0.21
N TYR B 196 0.48 -6.56 -0.48
CA TYR B 196 -0.54 -7.49 -0.03
C TYR B 196 -0.34 -8.87 -0.63
N LEU B 197 -0.13 -8.96 -1.94
CA LEU B 197 0.01 -10.28 -2.56
C LEU B 197 1.23 -11.02 -2.02
N HIS B 198 2.31 -10.29 -1.72
CA HIS B 198 3.46 -10.95 -1.10
C HIS B 198 3.09 -11.44 0.30
N ALA B 199 2.36 -10.64 1.07
CA ALA B 199 1.90 -11.09 2.38
C ALA B 199 1.09 -12.37 2.24
N VAL B 200 0.14 -12.39 1.30
CA VAL B 200 -0.66 -13.58 1.03
C VAL B 200 0.22 -14.75 0.63
N ALA B 201 1.23 -14.49 -0.21
CA ALA B 201 2.08 -15.59 -0.65
C ALA B 201 2.76 -16.24 0.53
N MET B 202 3.28 -15.41 1.46
CA MET B 202 3.91 -15.89 2.69
C MET B 202 2.92 -16.69 3.55
N ILE B 203 1.74 -16.11 3.76
CA ILE B 203 0.66 -16.73 4.52
C ILE B 203 0.26 -18.08 3.91
N ARG B 204 0.12 -18.12 2.57
CA ARG B 204 -0.30 -19.35 1.92
C ARG B 204 0.79 -20.41 1.97
N ALA B 205 2.05 -19.99 1.81
CA ALA B 205 3.16 -20.93 1.87
C ALA B 205 3.11 -21.78 3.15
N ALA B 206 2.55 -21.24 4.24
CA ALA B 206 2.53 -21.93 5.53
C ALA B 206 1.21 -22.64 5.78
N GLY B 207 0.39 -22.82 4.75
CA GLY B 207 -0.90 -23.44 4.92
C GLY B 207 -1.97 -22.53 5.49
N VAL B 208 -1.70 -21.25 5.63
CA VAL B 208 -2.67 -20.36 6.27
C VAL B 208 -3.62 -19.83 5.22
N PRO B 209 -4.94 -19.92 5.45
CA PRO B 209 -5.89 -19.38 4.46
C PRO B 209 -5.81 -17.88 4.33
N ALA B 210 -6.05 -17.41 3.12
CA ALA B 210 -5.91 -15.99 2.83
C ALA B 210 -7.05 -15.20 3.46
N THR B 211 -8.29 -15.51 3.09
CA THR B 211 -9.45 -14.94 3.78
C THR B 211 -9.29 -15.20 5.27
N GLY B 212 -9.29 -14.14 6.07
CA GLY B 212 -8.93 -14.33 7.47
C GLY B 212 -7.72 -13.52 7.84
N PHE B 213 -6.69 -13.56 6.99
CA PHE B 213 -5.58 -12.62 7.08
C PHE B 213 -5.98 -11.24 6.57
N THR B 214 -6.77 -11.17 5.48
CA THR B 214 -7.16 -9.87 4.92
C THR B 214 -7.88 -8.98 5.92
N PRO B 215 -8.76 -9.47 6.82
CA PRO B 215 -9.33 -8.57 7.84
C PRO B 215 -8.22 -7.82 8.55
N LEU B 216 -7.27 -8.60 9.07
CA LEU B 216 -6.17 -8.05 9.84
C LEU B 216 -5.33 -7.09 9.00
N ALA B 217 -5.14 -7.44 7.71
CA ALA B 217 -4.42 -6.58 6.78
C ALA B 217 -5.11 -5.24 6.63
N THR B 218 -6.39 -5.25 6.22
CA THR B 218 -7.16 -4.01 6.06
C THR B 218 -7.02 -3.11 7.29
N ASP B 219 -7.17 -3.69 8.49
CA ASP B 219 -7.07 -2.88 9.71
C ASP B 219 -5.71 -2.28 9.83
N TRP B 220 -4.69 -3.13 9.72
CA TRP B 220 -3.32 -2.68 9.71
C TRP B 220 -3.13 -1.56 8.70
N LEU B 221 -3.43 -1.82 7.44
CA LEU B 221 -3.19 -0.82 6.41
C LEU B 221 -4.02 0.43 6.64
N THR B 222 -5.21 0.29 7.22
CA THR B 222 -6.03 1.47 7.46
C THR B 222 -5.34 2.36 8.45
N ALA B 223 -4.75 1.76 9.47
CA ALA B 223 -4.06 2.54 10.49
C ALA B 223 -2.80 3.15 9.92
N MET B 224 -2.03 2.36 9.16
CA MET B 224 -0.84 2.89 8.55
C MET B 224 -1.17 4.11 7.70
N LEU B 225 -2.30 4.11 7.01
CA LEU B 225 -2.66 5.28 6.23
C LEU B 225 -2.69 6.56 7.06
N GLY B 226 -2.93 6.46 8.37
CA GLY B 226 -2.90 7.67 9.14
C GLY B 226 -1.53 8.27 9.37
N ALA B 227 -0.48 7.53 9.02
CA ALA B 227 0.91 7.99 9.06
C ALA B 227 1.27 8.92 7.91
N LEU B 228 0.54 8.88 6.80
CA LEU B 228 0.94 9.64 5.62
C LEU B 228 0.97 11.14 5.84
N PRO B 229 0.04 11.76 6.57
CA PRO B 229 0.10 13.23 6.71
C PRO B 229 1.39 13.73 7.33
N ALA B 230 2.09 12.87 8.07
CA ALA B 230 3.37 13.25 8.67
C ALA B 230 4.50 13.03 7.68
N LEU B 231 4.39 11.98 6.86
CA LEU B 231 5.36 11.80 5.80
C LEU B 231 5.21 12.91 4.77
N ALA B 232 3.96 13.32 4.52
CA ALA B 232 3.72 14.44 3.62
C ALA B 232 4.48 15.67 4.11
N ARG B 233 4.27 16.03 5.38
CA ARG B 233 4.94 17.18 6.01
C ARG B 233 6.44 17.14 5.78
N GLY B 234 7.10 16.06 6.21
CA GLY B 234 8.55 16.02 6.11
C GLY B 234 9.03 16.12 4.68
N VAL B 235 8.28 15.53 3.74
CA VAL B 235 8.64 15.63 2.33
C VAL B 235 8.69 17.09 1.89
N ASP B 236 7.63 17.85 2.19
CA ASP B 236 7.56 19.23 1.73
C ASP B 236 8.41 20.17 2.60
N SER B 237 8.67 19.79 3.87
CA SER B 237 9.38 20.61 4.85
C SER B 237 10.89 20.55 4.68
N GLY B 238 11.41 19.36 4.43
CA GLY B 238 12.83 19.10 4.52
C GLY B 238 13.25 18.41 5.80
N ASP B 239 12.44 18.53 6.86
CA ASP B 239 12.78 17.97 8.17
C ASP B 239 12.34 16.52 8.18
N HIS B 240 13.27 15.60 7.93
CA HIS B 240 12.94 14.17 7.87
C HIS B 240 13.13 13.51 9.22
N ALA B 241 12.56 14.13 10.25
CA ALA B 241 12.72 13.62 11.60
C ALA B 241 11.83 12.40 11.79
N ALA B 242 12.31 11.46 12.57
CA ALA B 242 11.60 10.19 12.75
C ALA B 242 10.45 10.38 13.73
N ASP B 243 9.85 9.27 14.11
CA ASP B 243 8.81 9.29 15.13
C ASP B 243 8.82 8.04 15.99
N GLY B 244 9.79 7.15 15.82
CA GLY B 244 9.84 5.92 16.58
C GLY B 244 10.36 4.75 15.76
N SER B 245 10.52 4.98 14.47
CA SER B 245 11.05 3.95 13.59
C SER B 245 11.76 4.67 12.44
N ALA B 246 13.06 4.88 12.59
CA ALA B 246 13.83 5.53 11.56
C ALA B 246 14.24 4.51 10.50
N VAL B 247 14.64 5.02 9.34
CA VAL B 247 14.99 4.25 8.14
C VAL B 247 15.99 3.14 8.47
N GLY B 248 16.83 3.40 9.47
CA GLY B 248 17.83 2.41 9.84
C GLY B 248 17.23 1.24 10.57
N MET B 249 16.35 1.55 11.55
CA MET B 249 15.59 0.49 12.20
C MET B 249 14.70 -0.25 11.20
N GLN B 250 13.92 0.50 10.44
CA GLN B 250 13.03 -0.13 9.44
C GLN B 250 13.84 -1.09 8.55
N ALA B 251 15.08 -0.71 8.22
CA ALA B 251 15.94 -1.57 7.42
C ALA B 251 16.13 -2.94 8.07
N ALA B 252 16.69 -2.97 9.28
CA ALA B 252 16.90 -4.24 9.97
C ALA B 252 15.64 -5.10 9.97
N ALA B 253 14.47 -4.47 10.13
CA ALA B 253 13.24 -5.22 10.12
C ALA B 253 12.99 -5.87 8.77
N PHE B 254 13.48 -5.24 7.69
CA PHE B 254 13.25 -5.74 6.33
C PHE B 254 14.12 -6.96 6.06
N GLY B 255 15.20 -7.12 6.80
CA GLY B 255 16.03 -8.27 6.58
C GLY B 255 15.36 -9.53 7.06
N ASN B 256 14.62 -9.42 8.17
CA ASN B 256 13.79 -10.53 8.62
C ASN B 256 12.71 -10.84 7.61
N LEU B 257 12.06 -9.81 7.04
CA LEU B 257 11.03 -10.04 6.04
C LEU B 257 11.60 -10.76 4.81
N LEU B 258 12.82 -10.41 4.39
CA LEU B 258 13.45 -11.12 3.29
C LEU B 258 13.81 -12.55 3.69
N ALA B 259 14.15 -12.77 4.95
CA ALA B 259 14.57 -14.12 5.35
C ALA B 259 13.35 -15.01 5.55
N ALA B 260 12.28 -14.45 6.11
CA ALA B 260 11.04 -15.18 6.25
C ALA B 260 10.51 -15.61 4.89
N SER B 261 10.62 -14.73 3.88
CA SER B 261 10.16 -15.08 2.54
C SER B 261 11.06 -16.14 1.91
N ARG B 262 12.37 -16.09 2.17
CA ARG B 262 13.28 -17.07 1.58
C ARG B 262 13.18 -18.43 2.24
N GLU B 263 12.69 -18.51 3.48
CA GLU B 263 12.58 -19.81 4.12
C GLU B 263 11.20 -20.42 3.93
N GLY B 264 10.21 -19.63 3.52
CA GLY B 264 8.89 -20.16 3.27
C GLY B 264 8.69 -20.49 1.82
N GLY B 265 9.63 -20.06 0.98
CA GLY B 265 9.60 -20.32 -0.43
C GLY B 265 8.90 -19.25 -1.25
N VAL B 266 8.98 -17.99 -0.86
CA VAL B 266 8.34 -16.88 -1.55
C VAL B 266 9.43 -15.99 -2.13
N SER B 267 9.20 -15.45 -3.32
CA SER B 267 10.20 -14.63 -3.97
C SER B 267 10.26 -13.23 -3.33
N THR B 268 11.47 -12.75 -3.14
CA THR B 268 11.67 -11.40 -2.62
C THR B 268 11.56 -10.34 -3.73
N SER B 269 11.14 -10.71 -4.95
CA SER B 269 11.20 -9.77 -6.08
C SER B 269 10.44 -8.48 -5.81
N LEU B 270 9.26 -8.56 -5.22
CA LEU B 270 8.55 -7.33 -4.92
C LEU B 270 9.18 -6.55 -3.78
N LEU B 271 9.92 -7.22 -2.89
CA LEU B 271 10.55 -6.58 -1.75
C LEU B 271 11.91 -5.96 -2.05
N GLU B 272 12.63 -6.46 -3.06
CA GLU B 272 14.03 -6.07 -3.26
C GLU B 272 14.20 -4.58 -3.56
N PRO B 273 13.37 -3.94 -4.37
CA PRO B 273 13.49 -2.48 -4.52
C PRO B 273 13.35 -1.74 -3.19
N VAL B 274 12.33 -2.10 -2.39
CA VAL B 274 12.14 -1.44 -1.10
C VAL B 274 13.37 -1.62 -0.23
N ARG B 275 13.96 -2.82 -0.25
CA ARG B 275 15.20 -3.05 0.45
C ARG B 275 16.26 -2.03 0.02
N ARG B 276 16.48 -1.89 -1.29
CA ARG B 276 17.58 -1.06 -1.75
C ARG B 276 17.35 0.41 -1.43
N LEU B 277 16.09 0.85 -1.51
CA LEU B 277 15.82 2.25 -1.22
C LEU B 277 16.06 2.56 0.26
N LEU B 278 15.71 1.62 1.15
CA LEU B 278 16.03 1.81 2.56
C LEU B 278 17.52 1.81 2.77
N ASP B 279 18.20 0.79 2.26
CA ASP B 279 19.66 0.69 2.42
C ASP B 279 20.36 1.91 1.85
N ASP B 280 19.90 2.42 0.72
CA ASP B 280 20.53 3.58 0.14
C ASP B 280 20.29 4.83 0.98
N ALA B 281 19.16 4.92 1.67
CA ALA B 281 18.99 6.05 2.58
C ALA B 281 19.93 5.93 3.76
N VAL B 282 20.28 4.70 4.15
CA VAL B 282 21.25 4.52 5.23
C VAL B 282 22.61 5.03 4.79
N ARG B 283 23.05 4.63 3.58
CA ARG B 283 24.34 5.06 3.05
C ARG B 283 24.37 6.54 2.70
N ALA B 284 23.22 7.11 2.38
CA ALA B 284 23.08 8.55 2.12
C ALA B 284 23.18 9.39 3.38
N GLY B 285 22.84 8.86 4.54
CA GLY B 285 22.86 9.65 5.75
C GLY B 285 21.49 9.92 6.35
N HIS B 286 20.53 8.99 6.16
CA HIS B 286 19.17 9.15 6.65
C HIS B 286 18.75 8.03 7.59
N GLY B 287 19.69 7.19 8.03
CA GLY B 287 19.39 6.11 8.96
C GLY B 287 18.69 6.55 10.22
N ALA B 288 18.99 7.74 10.73
CA ALA B 288 18.26 8.26 11.87
C ALA B 288 17.13 9.19 11.47
N ASP B 289 16.74 9.18 10.18
CA ASP B 289 15.68 10.01 9.65
C ASP B 289 14.42 9.18 9.42
N GLY B 290 13.36 9.87 8.99
CA GLY B 290 12.09 9.23 8.74
C GLY B 290 11.93 8.80 7.28
N LEU B 291 10.88 8.01 7.05
CA LEU B 291 10.59 7.49 5.71
C LEU B 291 10.45 8.59 4.67
N SER B 292 10.05 9.80 5.07
CA SER B 292 9.92 10.89 4.11
C SER B 292 11.22 11.19 3.38
N ALA B 293 12.38 10.86 3.95
CA ALA B 293 13.64 11.15 3.28
C ALA B 293 13.92 10.21 2.12
N LEU B 294 13.07 9.24 1.85
CA LEU B 294 13.29 8.30 0.77
C LEU B 294 12.72 8.80 -0.54
N VAL B 295 12.03 9.94 -0.53
CA VAL B 295 11.33 10.41 -1.71
C VAL B 295 12.29 11.01 -2.73
N ASP B 296 13.12 11.95 -2.31
CA ASP B 296 14.06 12.55 -3.23
C ASP B 296 15.20 11.61 -3.56
N LEU B 297 15.30 10.47 -2.85
CA LEU B 297 16.23 9.43 -3.22
C LEU B 297 15.82 8.72 -4.49
N LEU B 298 14.54 8.79 -4.84
CA LEU B 298 14.01 8.24 -6.09
C LEU B 298 14.13 9.23 -7.24
N ARG B 299 14.55 10.47 -6.96
CA ARG B 299 14.76 11.51 -7.96
C ARG B 299 16.25 11.52 -8.28
N GLN B 300 16.64 10.89 -9.39
CA GLN B 300 18.03 10.87 -9.85
C GLN B 300 18.43 12.14 -10.59
N SER B 301 17.46 12.98 -10.93
CA SER B 301 17.68 14.25 -11.60
C SER B 301 18.49 15.18 -10.69
PA NDP C . 17.26 -1.01 22.28
O1A NDP C . 18.33 -0.79 21.27
O2A NDP C . 16.75 0.16 23.05
O5B NDP C . 17.72 -2.14 23.31
C5B NDP C . 18.15 -3.42 22.78
C4B NDP C . 18.38 -4.37 23.93
O4B NDP C . 19.33 -5.39 23.53
C3B NDP C . 18.96 -3.72 25.21
O3B NDP C . 18.31 -4.22 26.37
C2B NDP C . 20.42 -4.15 25.15
O2B NDP C . 20.99 -4.24 26.44
C1B NDP C . 20.28 -5.53 24.56
N9A NDP C . 21.51 -6.07 23.99
C8A NDP C . 22.16 -5.63 22.86
N7A NDP C . 23.26 -6.31 22.60
C5A NDP C . 23.32 -7.26 23.61
C6A NDP C . 24.23 -8.29 23.89
N6A NDP C . 25.31 -8.54 23.15
N1A NDP C . 24.00 -9.05 24.99
C2A NDP C . 22.92 -8.79 25.73
N3A NDP C . 21.99 -7.86 25.56
C4A NDP C . 22.25 -7.12 24.47
O3 NDP C . 16.02 -1.73 21.57
PN NDP C . 14.45 -1.55 21.79
O1N NDP C . 14.15 -1.78 23.23
O2N NDP C . 14.01 -0.28 21.15
O5D NDP C . 13.92 -2.77 20.93
C5D NDP C . 14.17 -4.07 21.50
C4D NDP C . 13.50 -5.10 20.63
O4D NDP C . 12.07 -4.97 20.74
C3D NDP C . 13.80 -4.96 19.12
O3D NDP C . 15.01 -5.60 18.77
C2D NDP C . 12.58 -5.67 18.55
O2D NDP C . 12.82 -7.06 18.45
C1D NDP C . 11.46 -5.38 19.54
N1N NDP C . 10.55 -4.29 19.08
C2N NDP C . 10.94 -2.98 19.13
C3N NDP C . 10.18 -2.00 18.57
C7N NDP C . 10.43 -0.61 19.00
O7N NDP C . 9.69 0.30 18.60
N7N NDP C . 11.44 -0.37 19.82
C4N NDP C . 9.14 -2.40 17.59
C5N NDP C . 8.74 -3.80 17.70
C6N NDP C . 9.31 -4.58 18.58
P2B NDP C . 22.03 -3.04 26.65
O1X NDP C . 21.26 -1.91 27.28
O2X NDP C . 23.09 -3.59 27.57
O3X NDP C . 22.58 -2.67 25.30
PA NDP D . -11.72 0.11 -26.20
O1A NDP D . -10.63 -0.91 -26.22
O2A NDP D . -13.09 -0.32 -25.85
O5B NDP D . -11.74 0.87 -27.62
C5B NDP D . -10.96 2.09 -27.76
C4B NDP D . -11.72 3.06 -28.65
O4B NDP D . -10.81 3.62 -29.62
C3B NDP D . -12.86 2.44 -29.47
O3B NDP D . -13.93 3.37 -29.59
C2B NDP D . -12.19 2.17 -30.79
O2B NDP D . -13.13 2.13 -31.86
C1B NDP D . -11.33 3.42 -30.91
N9A NDP D . -10.22 3.29 -31.85
C8A NDP D . -9.24 2.33 -31.84
N7A NDP D . -8.39 2.48 -32.82
C5A NDP D . -8.83 3.60 -33.51
C6A NDP D . -8.33 4.28 -34.64
N6A NDP D . -7.25 3.90 -35.31
N1A NDP D . -9.02 5.36 -35.06
C2A NDP D . -10.11 5.74 -34.38
N3A NDP D . -10.66 5.19 -33.31
C4A NDP D . -9.96 4.11 -32.92
O3 NDP D . -11.29 1.29 -25.21
PN NDP D . -11.85 1.71 -23.77
O1N NDP D . -13.06 2.55 -23.96
O2N NDP D . -11.96 0.49 -22.93
O5D NDP D . -10.64 2.62 -23.23
C5D NDP D . -10.49 3.92 -23.83
C4D NDP D . -9.57 4.76 -22.98
O4D NDP D . -10.13 4.88 -21.65
C3D NDP D . -8.14 4.23 -22.81
O3D NDP D . -7.18 5.26 -22.94
C2D NDP D . -8.17 3.67 -21.39
O2D NDP D . -6.90 3.68 -20.75
C1D NDP D . -9.14 4.62 -20.69
N1N NDP D . -9.80 3.95 -19.53
C2N NDP D . -10.21 2.66 -19.64
C3N NDP D . -10.66 1.98 -18.55
C7N NDP D . -11.55 0.83 -18.78
O7N NDP D . -12.02 0.22 -17.83
N7N NDP D . -11.83 0.51 -20.04
C4N NDP D . -10.24 2.49 -17.21
C5N NDP D . -9.98 3.94 -17.21
C6N NDP D . -9.97 4.61 -18.34
P2B NDP D . -12.92 0.79 -32.73
O1X NDP D . -14.20 -0.01 -32.55
O2X NDP D . -11.72 0.05 -32.20
O3X NDP D . -12.74 1.26 -34.15
#